data_8EB1
#
_entry.id   8EB1
#
_entity_poly.entity_id   1
_entity_poly.type   'polypeptide(L)'
_entity_poly.pdbx_seq_one_letter_code
;KWAVKIIRKFIKGFISGGKRWKYM
;
_entity_poly.pdbx_strand_id   A
#
# COMPACT_ATOMS: atom_id res chain seq x y z
N LYS A 1 1.33 3.58 16.60
CA LYS A 1 0.37 2.48 16.88
C LYS A 1 -0.99 2.75 16.23
N TRP A 2 -0.99 3.11 14.96
CA TRP A 2 -2.22 3.47 14.28
C TRP A 2 -2.97 2.23 13.77
N ALA A 3 -4.17 2.46 13.25
CA ALA A 3 -5.00 1.40 12.74
C ALA A 3 -4.74 1.18 11.26
N VAL A 4 -5.15 2.15 10.46
CA VAL A 4 -5.06 2.11 9.02
C VAL A 4 -3.61 1.97 8.57
N LYS A 5 -2.68 2.53 9.35
CA LYS A 5 -1.26 2.36 9.11
C LYS A 5 -0.90 0.91 8.82
N ILE A 6 -1.23 0.02 9.74
CA ILE A 6 -0.84 -1.35 9.61
C ILE A 6 -1.70 -2.07 8.58
N ILE A 7 -2.86 -1.50 8.28
CA ILE A 7 -3.70 -2.03 7.22
C ILE A 7 -3.05 -1.75 5.89
N ARG A 8 -2.25 -0.70 5.85
CA ARG A 8 -1.46 -0.39 4.68
C ARG A 8 -0.39 -1.45 4.46
N LYS A 9 -0.20 -2.32 5.46
CA LYS A 9 0.69 -3.46 5.30
C LYS A 9 0.03 -4.52 4.42
N PHE A 10 -1.27 -4.71 4.64
CA PHE A 10 -2.06 -5.71 3.90
C PHE A 10 -1.90 -5.53 2.39
N ILE A 11 -2.41 -4.42 1.87
CA ILE A 11 -2.40 -4.19 0.44
C ILE A 11 -0.99 -3.97 -0.08
N LYS A 12 -0.09 -3.52 0.80
CA LYS A 12 1.31 -3.30 0.42
C LYS A 12 1.93 -4.58 -0.14
N GLY A 13 1.57 -5.71 0.44
CA GLY A 13 2.09 -6.98 -0.03
C GLY A 13 1.19 -7.63 -1.06
N PHE A 14 -0.11 -7.58 -0.82
CA PHE A 14 -1.09 -8.25 -1.66
C PHE A 14 -1.37 -7.50 -2.96
N ILE A 15 -1.69 -6.22 -2.84
CA ILE A 15 -2.13 -5.43 -3.99
C ILE A 15 -0.96 -4.75 -4.68
N SER A 16 0.03 -4.32 -3.90
CA SER A 16 1.15 -3.58 -4.45
C SER A 16 2.18 -4.51 -5.08
N GLY A 17 1.99 -4.80 -6.36
CA GLY A 17 3.01 -5.46 -7.14
C GLY A 17 3.77 -4.44 -7.95
N GLY A 18 3.01 -3.56 -8.57
CA GLY A 18 3.57 -2.37 -9.20
C GLY A 18 3.20 -1.15 -8.39
N LYS A 19 3.73 0.02 -8.76
CA LYS A 19 3.43 1.23 -8.02
C LYS A 19 2.63 2.20 -8.88
N ARG A 20 1.72 2.93 -8.25
CA ARG A 20 0.82 3.82 -8.96
C ARG A 20 0.91 5.23 -8.39
N TRP A 21 1.69 6.09 -9.02
CA TRP A 21 1.92 7.44 -8.51
C TRP A 21 2.14 8.42 -9.67
N LYS A 22 1.49 9.57 -9.58
CA LYS A 22 1.73 10.64 -10.53
C LYS A 22 2.72 11.65 -9.94
N TYR A 23 3.79 11.91 -10.69
CA TYR A 23 4.84 12.81 -10.26
C TYR A 23 4.29 14.22 -10.04
N MET A 24 3.34 14.61 -10.88
CA MET A 24 2.69 15.91 -10.73
C MET A 24 1.23 15.72 -10.33
N LYS A 1 -3.45 -6.33 18.51
CA LYS A 1 -4.59 -5.52 18.03
C LYS A 1 -4.09 -4.39 17.14
N TRP A 2 -3.81 -4.72 15.89
CA TRP A 2 -3.32 -3.72 14.94
C TRP A 2 -4.46 -3.16 14.11
N ALA A 3 -5.11 -2.14 14.63
CA ALA A 3 -6.24 -1.51 13.94
C ALA A 3 -5.74 -0.69 12.75
N VAL A 4 -5.04 0.38 13.06
CA VAL A 4 -4.58 1.31 12.06
C VAL A 4 -3.24 0.87 11.48
N LYS A 5 -2.39 0.31 12.33
CA LYS A 5 -1.10 -0.20 11.92
C LYS A 5 -1.18 -1.10 10.71
N ILE A 6 -2.05 -2.10 10.76
CA ILE A 6 -2.07 -3.11 9.72
C ILE A 6 -2.63 -2.56 8.41
N ILE A 7 -3.28 -1.42 8.48
CA ILE A 7 -3.80 -0.78 7.27
C ILE A 7 -2.64 -0.17 6.49
N ARG A 8 -1.54 0.09 7.20
CA ARG A 8 -0.31 0.53 6.57
C ARG A 8 0.28 -0.60 5.73
N LYS A 9 -0.23 -1.81 5.93
CA LYS A 9 0.18 -2.94 5.11
C LYS A 9 -0.46 -2.84 3.73
N PHE A 10 -1.72 -2.41 3.71
CA PHE A 10 -2.48 -2.29 2.47
C PHE A 10 -1.74 -1.46 1.42
N ILE A 11 -1.62 -0.16 1.67
CA ILE A 11 -1.01 0.74 0.67
C ILE A 11 0.47 0.45 0.50
N LYS A 12 1.11 -0.11 1.53
CA LYS A 12 2.52 -0.46 1.44
C LYS A 12 2.77 -1.37 0.24
N GLY A 13 1.87 -2.33 0.02
CA GLY A 13 2.01 -3.26 -1.07
C GLY A 13 1.67 -2.64 -2.42
N PHE A 14 1.04 -1.47 -2.38
CA PHE A 14 0.68 -0.75 -3.59
C PHE A 14 1.81 0.17 -4.02
N ILE A 15 2.46 0.79 -3.04
CA ILE A 15 3.52 1.74 -3.32
C ILE A 15 4.87 1.02 -3.51
N SER A 16 5.11 -0.02 -2.71
CA SER A 16 6.38 -0.71 -2.75
C SER A 16 6.22 -2.11 -3.34
N GLY A 17 7.24 -2.58 -4.05
CA GLY A 17 7.21 -3.92 -4.61
C GLY A 17 7.41 -3.92 -6.11
N GLY A 18 7.83 -2.79 -6.65
CA GLY A 18 8.01 -2.68 -8.08
C GLY A 18 6.69 -2.78 -8.82
N LYS A 19 5.73 -2.00 -8.36
CA LYS A 19 4.37 -2.07 -8.86
C LYS A 19 4.22 -1.22 -10.13
N ARG A 20 3.08 -1.38 -10.78
CA ARG A 20 2.84 -0.73 -12.07
C ARG A 20 1.55 0.07 -12.00
N TRP A 21 1.63 1.34 -12.36
CA TRP A 21 0.50 2.24 -12.19
C TRP A 21 0.17 2.94 -13.49
N LYS A 22 -1.11 3.19 -13.70
CA LYS A 22 -1.61 3.78 -14.93
C LYS A 22 -0.92 5.11 -15.25
N TYR A 23 -0.23 5.14 -16.37
CA TYR A 23 0.50 6.33 -16.79
C TYR A 23 -0.39 7.19 -17.69
N MET A 24 -1.21 8.02 -17.06
CA MET A 24 -2.10 8.90 -17.80
C MET A 24 -1.47 10.28 -17.96
N LYS A 1 -4.32 0.27 19.66
CA LYS A 1 -2.88 0.39 19.35
C LYS A 1 -2.63 0.14 17.86
N TRP A 2 -2.93 -1.06 17.42
CA TRP A 2 -2.72 -1.45 16.02
C TRP A 2 -4.05 -1.48 15.27
N ALA A 3 -4.69 -0.33 15.18
CA ALA A 3 -5.95 -0.22 14.47
C ALA A 3 -5.70 0.07 13.00
N VAL A 4 -5.24 1.28 12.75
CA VAL A 4 -4.99 1.75 11.41
C VAL A 4 -3.56 1.43 10.99
N LYS A 5 -2.64 1.52 11.95
CA LYS A 5 -1.23 1.23 11.73
C LYS A 5 -1.02 -0.08 11.00
N ILE A 6 -1.64 -1.14 11.48
CA ILE A 6 -1.45 -2.42 10.86
C ILE A 6 -2.08 -2.44 9.48
N ILE A 7 -3.22 -1.77 9.32
CA ILE A 7 -3.93 -1.73 8.04
C ILE A 7 -3.05 -1.10 6.97
N ARG A 8 -2.07 -0.34 7.42
CA ARG A 8 -1.08 0.22 6.51
C ARG A 8 -0.39 -0.89 5.73
N LYS A 9 -0.40 -2.13 6.25
CA LYS A 9 0.29 -3.22 5.55
C LYS A 9 -0.45 -3.57 4.25
N PHE A 10 -1.73 -3.22 4.22
CA PHE A 10 -2.56 -3.50 3.06
C PHE A 10 -2.14 -2.64 1.87
N ILE A 11 -2.40 -1.34 1.95
CA ILE A 11 -2.15 -0.45 0.82
C ILE A 11 -0.65 -0.31 0.52
N LYS A 12 0.18 -0.48 1.54
CA LYS A 12 1.63 -0.38 1.34
C LYS A 12 2.17 -1.65 0.70
N GLY A 13 1.35 -2.68 0.66
CA GLY A 13 1.72 -3.91 -0.01
C GLY A 13 1.15 -3.97 -1.41
N PHE A 14 0.00 -3.34 -1.59
CA PHE A 14 -0.64 -3.26 -2.90
C PHE A 14 -0.05 -2.15 -3.74
N ILE A 15 0.08 -0.98 -3.15
CA ILE A 15 0.61 0.18 -3.86
C ILE A 15 2.13 0.14 -3.87
N SER A 16 2.71 0.24 -5.06
CA SER A 16 4.14 0.21 -5.21
C SER A 16 4.70 1.62 -5.26
N GLY A 17 6.01 1.74 -5.08
CA GLY A 17 6.65 3.04 -5.05
C GLY A 17 6.77 3.65 -6.44
N GLY A 18 6.75 4.97 -6.51
CA GLY A 18 6.87 5.65 -7.78
C GLY A 18 5.55 5.70 -8.53
N LYS A 19 5.61 5.47 -9.83
CA LYS A 19 4.42 5.46 -10.66
C LYS A 19 4.04 4.04 -11.03
N ARG A 20 2.75 3.76 -11.06
CA ARG A 20 2.24 2.42 -11.33
C ARG A 20 2.37 2.06 -12.82
N TRP A 21 3.39 1.27 -13.14
CA TRP A 21 3.57 0.80 -14.51
C TRP A 21 3.72 -0.71 -14.53
N LYS A 22 2.61 -1.43 -14.64
CA LYS A 22 2.66 -2.88 -14.76
C LYS A 22 1.92 -3.32 -16.01
N TYR A 23 2.50 -4.27 -16.74
CA TYR A 23 1.87 -4.80 -17.93
C TYR A 23 1.78 -6.32 -17.85
N MET A 24 2.88 -6.94 -17.43
CA MET A 24 2.93 -8.40 -17.29
C MET A 24 2.56 -8.81 -15.88
N LYS A 1 -7.02 -6.27 13.43
CA LYS A 1 -6.85 -5.98 14.87
C LYS A 1 -6.95 -4.50 15.16
N TRP A 2 -6.04 -3.71 14.58
CA TRP A 2 -6.02 -2.28 14.81
C TRP A 2 -6.32 -1.53 13.52
N ALA A 3 -6.74 -0.28 13.64
CA ALA A 3 -7.16 0.51 12.49
C ALA A 3 -6.01 0.77 11.53
N VAL A 4 -5.08 1.61 11.97
CA VAL A 4 -3.99 2.07 11.16
C VAL A 4 -2.95 0.97 10.95
N LYS A 5 -2.82 0.10 11.95
CA LYS A 5 -1.93 -1.05 11.90
C LYS A 5 -2.02 -1.79 10.58
N ILE A 6 -3.21 -2.22 10.22
CA ILE A 6 -3.37 -3.05 9.05
C ILE A 6 -3.17 -2.25 7.76
N ILE A 7 -3.28 -0.93 7.86
CA ILE A 7 -3.04 -0.08 6.71
C ILE A 7 -1.55 -0.06 6.40
N ARG A 8 -0.76 -0.39 7.42
CA ARG A 8 0.67 -0.55 7.26
C ARG A 8 0.97 -1.76 6.37
N LYS A 9 -0.05 -2.58 6.12
CA LYS A 9 0.07 -3.69 5.20
C LYS A 9 0.07 -3.19 3.75
N PHE A 10 -0.78 -2.20 3.50
CA PHE A 10 -0.94 -1.64 2.16
C PHE A 10 0.38 -1.11 1.60
N ILE A 11 0.97 -0.12 2.25
CA ILE A 11 2.22 0.47 1.77
C ILE A 11 3.36 -0.51 1.91
N LYS A 12 3.23 -1.47 2.83
CA LYS A 12 4.21 -2.54 2.97
C LYS A 12 4.29 -3.35 1.68
N GLY A 13 3.15 -3.60 1.07
CA GLY A 13 3.12 -4.31 -0.21
C GLY A 13 3.63 -3.45 -1.35
N PHE A 14 3.38 -2.16 -1.25
CA PHE A 14 3.92 -1.19 -2.20
C PHE A 14 5.21 -0.61 -1.66
N ILE A 15 5.57 0.57 -2.13
CA ILE A 15 6.63 1.31 -1.51
C ILE A 15 6.09 2.48 -0.71
N SER A 16 5.46 3.42 -1.39
CA SER A 16 4.89 4.58 -0.74
C SER A 16 3.62 5.01 -1.47
N GLY A 17 2.48 4.59 -0.94
CA GLY A 17 1.22 4.92 -1.58
C GLY A 17 0.84 3.90 -2.65
N GLY A 18 -0.41 3.94 -3.08
CA GLY A 18 -0.87 3.01 -4.08
C GLY A 18 -0.74 3.57 -5.48
N LYS A 19 -0.35 2.72 -6.42
CA LYS A 19 -0.23 3.13 -7.81
C LYS A 19 -1.34 2.49 -8.64
N ARG A 20 -1.63 3.06 -9.80
CA ARG A 20 -2.80 2.66 -10.57
C ARG A 20 -2.39 2.12 -11.94
N TRP A 21 -2.75 0.87 -12.19
CA TRP A 21 -2.37 0.21 -13.43
C TRP A 21 -3.61 -0.37 -14.10
N LYS A 22 -4.18 0.39 -15.01
CA LYS A 22 -5.41 -0.01 -15.68
C LYS A 22 -5.13 -1.04 -16.77
N TYR A 23 -5.75 -2.21 -16.62
CA TYR A 23 -5.64 -3.32 -17.58
C TYR A 23 -4.27 -3.99 -17.50
N MET A 24 -3.21 -3.19 -17.57
CA MET A 24 -1.84 -3.71 -17.51
C MET A 24 -1.52 -4.19 -16.10
N LYS A 1 -3.09 -4.27 19.65
CA LYS A 1 -3.79 -2.97 19.80
C LYS A 1 -3.52 -2.08 18.59
N TRP A 2 -4.30 -1.01 18.47
CA TRP A 2 -4.18 -0.05 17.39
C TRP A 2 -4.43 -0.74 16.04
N ALA A 3 -5.70 -0.77 15.65
CA ALA A 3 -6.13 -1.43 14.42
C ALA A 3 -5.38 -0.90 13.21
N VAL A 4 -5.38 0.40 13.08
CA VAL A 4 -4.84 1.07 11.91
C VAL A 4 -3.34 0.79 11.72
N LYS A 5 -2.66 0.43 12.81
CA LYS A 5 -1.28 -0.01 12.74
C LYS A 5 -1.13 -1.15 11.75
N ILE A 6 -1.85 -2.23 12.00
CA ILE A 6 -1.71 -3.41 11.19
C ILE A 6 -2.41 -3.23 9.85
N ILE A 7 -3.26 -2.23 9.75
CA ILE A 7 -3.91 -1.92 8.49
C ILE A 7 -2.88 -1.29 7.55
N ARG A 8 -1.83 -0.73 8.12
CA ARG A 8 -0.70 -0.25 7.36
C ARG A 8 0.01 -1.42 6.68
N LYS A 9 -0.28 -2.64 7.14
CA LYS A 9 0.27 -3.83 6.50
C LYS A 9 -0.44 -4.08 5.17
N PHE A 10 -1.74 -3.84 5.17
CA PHE A 10 -2.59 -4.07 4.00
C PHE A 10 -2.01 -3.41 2.76
N ILE A 11 -1.89 -2.08 2.78
CA ILE A 11 -1.38 -1.35 1.62
C ILE A 11 0.13 -1.52 1.48
N LYS A 12 0.82 -1.76 2.60
CA LYS A 12 2.27 -1.96 2.56
C LYS A 12 2.62 -3.25 1.82
N GLY A 13 1.66 -4.16 1.76
CA GLY A 13 1.85 -5.39 1.02
C GLY A 13 1.44 -5.24 -0.44
N PHE A 14 0.94 -4.07 -0.78
CA PHE A 14 0.52 -3.79 -2.15
C PHE A 14 1.58 -3.00 -2.91
N ILE A 15 1.56 -1.67 -2.74
CA ILE A 15 2.45 -0.77 -3.48
C ILE A 15 2.21 -0.89 -4.99
N SER A 16 1.58 0.13 -5.55
CA SER A 16 1.33 0.16 -6.98
C SER A 16 2.47 0.90 -7.68
N GLY A 17 3.51 0.17 -8.06
CA GLY A 17 4.63 0.78 -8.74
C GLY A 17 4.65 0.44 -10.21
N GLY A 18 5.10 1.38 -11.03
CA GLY A 18 5.17 1.16 -12.46
C GLY A 18 3.82 1.34 -13.12
N LYS A 19 3.38 2.60 -13.24
CA LYS A 19 2.12 2.90 -13.87
C LYS A 19 2.31 3.14 -15.36
N ARG A 20 1.41 2.58 -16.15
CA ARG A 20 1.46 2.73 -17.60
C ARG A 20 1.21 4.18 -18.04
N TRP A 21 2.29 4.89 -18.34
CA TRP A 21 2.18 6.26 -18.82
C TRP A 21 2.91 6.43 -20.15
N LYS A 22 2.21 7.00 -21.12
CA LYS A 22 2.83 7.33 -22.38
C LYS A 22 2.81 8.84 -22.58
N TYR A 23 3.99 9.44 -22.57
CA TYR A 23 4.11 10.89 -22.70
C TYR A 23 3.88 11.31 -24.15
N MET A 24 4.13 10.39 -25.07
CA MET A 24 3.97 10.66 -26.49
C MET A 24 2.73 9.93 -27.02
N LYS A 1 -2.65 2.63 18.88
CA LYS A 1 -3.42 2.96 17.66
C LYS A 1 -2.81 2.22 16.47
N TRP A 2 -3.44 1.14 16.05
CA TRP A 2 -2.89 0.30 14.99
C TRP A 2 -3.93 0.00 13.92
N ALA A 3 -5.10 0.61 14.04
CA ALA A 3 -6.21 0.39 13.11
C ALA A 3 -5.78 0.64 11.66
N VAL A 4 -5.51 1.90 11.37
CA VAL A 4 -5.10 2.32 10.06
C VAL A 4 -3.63 1.93 9.83
N LYS A 5 -2.90 1.86 10.92
CA LYS A 5 -1.50 1.45 10.91
C LYS A 5 -1.30 0.15 10.15
N ILE A 6 -1.93 -0.91 10.62
CA ILE A 6 -1.69 -2.23 10.07
C ILE A 6 -2.25 -2.35 8.65
N ILE A 7 -3.14 -1.46 8.27
CA ILE A 7 -3.68 -1.46 6.92
C ILE A 7 -2.61 -0.96 5.95
N ARG A 8 -1.59 -0.30 6.50
CA ARG A 8 -0.43 0.07 5.72
C ARG A 8 0.31 -1.18 5.26
N LYS A 9 0.00 -2.30 5.88
CA LYS A 9 0.56 -3.58 5.45
C LYS A 9 -0.13 -4.03 4.16
N PHE A 10 -1.44 -3.82 4.10
CA PHE A 10 -2.26 -4.24 2.98
C PHE A 10 -1.76 -3.65 1.66
N ILE A 11 -1.84 -2.33 1.52
CA ILE A 11 -1.47 -1.69 0.26
C ILE A 11 0.02 -1.82 0.00
N LYS A 12 0.80 -1.98 1.07
CA LYS A 12 2.25 -2.14 0.97
C LYS A 12 2.62 -3.29 0.04
N GLY A 13 1.81 -4.35 0.06
CA GLY A 13 2.07 -5.51 -0.77
C GLY A 13 1.47 -5.38 -2.15
N PHE A 14 0.42 -4.57 -2.26
CA PHE A 14 -0.23 -4.33 -3.54
C PHE A 14 0.56 -3.35 -4.38
N ILE A 15 0.92 -2.25 -3.76
CA ILE A 15 1.66 -1.21 -4.45
C ILE A 15 3.16 -1.51 -4.40
N SER A 16 3.74 -1.74 -5.57
CA SER A 16 5.15 -2.05 -5.66
C SER A 16 5.89 -0.92 -6.38
N GLY A 17 6.97 -0.45 -5.76
CA GLY A 17 7.77 0.61 -6.36
C GLY A 17 8.33 0.19 -7.70
N GLY A 18 7.96 0.92 -8.74
CA GLY A 18 8.36 0.57 -10.09
C GLY A 18 7.16 0.40 -10.98
N LYS A 19 6.05 0.01 -10.37
CA LYS A 19 4.79 -0.11 -11.06
C LYS A 19 4.13 1.25 -11.16
N ARG A 20 3.27 1.41 -12.15
CA ARG A 20 2.56 2.68 -12.37
C ARG A 20 1.66 3.04 -11.19
N TRP A 21 2.16 3.91 -10.32
CA TRP A 21 1.39 4.36 -9.17
C TRP A 21 1.57 5.86 -8.97
N LYS A 22 0.47 6.59 -9.09
CA LYS A 22 0.48 8.04 -8.93
C LYS A 22 0.74 8.42 -7.49
N TYR A 23 1.67 9.35 -7.28
CA TYR A 23 2.05 9.81 -5.96
C TYR A 23 2.69 8.69 -5.14
N MET A 24 4.02 8.65 -5.16
CA MET A 24 4.76 7.68 -4.39
C MET A 24 5.58 8.37 -3.30
N LYS A 1 -4.85 -2.97 17.84
CA LYS A 1 -4.63 -2.65 16.41
C LYS A 1 -5.41 -1.40 16.03
N TRP A 2 -5.03 -0.77 14.93
CA TRP A 2 -5.72 0.41 14.45
C TRP A 2 -6.05 0.28 12.98
N ALA A 3 -7.18 0.84 12.59
CA ALA A 3 -7.71 0.73 11.22
C ALA A 3 -6.65 1.01 10.17
N VAL A 4 -6.22 2.27 10.15
CA VAL A 4 -5.30 2.76 9.15
C VAL A 4 -3.90 2.21 9.37
N LYS A 5 -3.48 2.11 10.63
CA LYS A 5 -2.18 1.55 10.97
C LYS A 5 -1.97 0.18 10.37
N ILE A 6 -2.90 -0.72 10.59
CA ILE A 6 -2.70 -2.10 10.21
C ILE A 6 -2.72 -2.24 8.69
N ILE A 7 -3.18 -1.21 8.00
CA ILE A 7 -3.12 -1.17 6.56
C ILE A 7 -1.66 -1.15 6.10
N ARG A 8 -0.75 -0.86 7.02
CA ARG A 8 0.67 -0.90 6.73
C ARG A 8 1.14 -2.29 6.30
N LYS A 9 0.34 -3.33 6.55
CA LYS A 9 0.68 -4.66 6.02
C LYS A 9 0.27 -4.72 4.56
N PHE A 10 -0.88 -4.13 4.31
CA PHE A 10 -1.54 -4.18 3.00
C PHE A 10 -0.63 -3.64 1.89
N ILE A 11 -0.39 -2.34 1.89
CA ILE A 11 0.40 -1.70 0.84
C ILE A 11 1.84 -2.17 0.87
N LYS A 12 2.33 -2.63 2.02
CA LYS A 12 3.66 -3.19 2.10
C LYS A 12 3.74 -4.47 1.28
N GLY A 13 2.66 -5.25 1.30
CA GLY A 13 2.60 -6.45 0.50
C GLY A 13 2.32 -6.15 -0.95
N PHE A 14 1.45 -5.18 -1.19
CA PHE A 14 1.14 -4.73 -2.54
C PHE A 14 2.16 -3.68 -2.99
N ILE A 15 1.76 -2.81 -3.91
CA ILE A 15 2.63 -1.76 -4.47
C ILE A 15 3.65 -2.36 -5.43
N SER A 16 4.35 -3.40 -5.00
CA SER A 16 5.26 -4.12 -5.86
C SER A 16 4.47 -4.83 -6.95
N GLY A 17 4.54 -4.31 -8.15
CA GLY A 17 3.77 -4.86 -9.25
C GLY A 17 2.43 -4.17 -9.39
N GLY A 18 2.23 -3.13 -8.61
CA GLY A 18 0.97 -2.39 -8.65
C GLY A 18 1.13 -1.00 -8.09
N LYS A 19 1.95 -0.20 -8.75
CA LYS A 19 2.21 1.16 -8.32
C LYS A 19 0.98 2.04 -8.51
N ARG A 20 0.93 3.13 -7.75
CA ARG A 20 -0.15 4.10 -7.87
C ARG A 20 0.41 5.40 -8.42
N TRP A 21 -0.19 5.88 -9.49
CA TRP A 21 0.36 6.98 -10.27
C TRP A 21 -0.74 7.78 -10.93
N LYS A 22 -0.48 9.06 -11.14
CA LYS A 22 -1.45 9.95 -11.76
C LYS A 22 -1.15 10.11 -13.23
N TYR A 23 -2.06 9.63 -14.06
CA TYR A 23 -1.92 9.72 -15.51
C TYR A 23 -2.19 11.14 -15.99
N MET A 24 -3.19 11.77 -15.40
CA MET A 24 -3.55 13.15 -15.75
C MET A 24 -2.89 14.13 -14.79
N LYS A 1 -3.31 4.55 16.20
CA LYS A 1 -4.54 3.77 15.95
C LYS A 1 -4.21 2.48 15.18
N TRP A 2 -4.59 1.35 15.75
CA TRP A 2 -4.28 0.04 15.18
C TRP A 2 -4.99 -0.16 13.85
N ALA A 3 -6.09 0.56 13.68
CA ALA A 3 -6.85 0.54 12.43
C ALA A 3 -5.95 0.83 11.24
N VAL A 4 -5.41 2.03 11.22
CA VAL A 4 -4.57 2.49 10.15
C VAL A 4 -3.21 1.81 10.20
N LYS A 5 -2.74 1.52 11.42
CA LYS A 5 -1.53 0.75 11.63
C LYS A 5 -1.53 -0.53 10.82
N ILE A 6 -2.55 -1.36 10.98
CA ILE A 6 -2.58 -2.65 10.36
C ILE A 6 -2.72 -2.52 8.83
N ILE A 7 -3.24 -1.39 8.38
CA ILE A 7 -3.32 -1.10 6.95
C ILE A 7 -1.91 -1.05 6.35
N ARG A 8 -0.94 -0.79 7.20
CA ARG A 8 0.46 -0.77 6.76
C ARG A 8 0.91 -2.16 6.33
N LYS A 9 0.13 -3.20 6.65
CA LYS A 9 0.48 -4.53 6.20
C LYS A 9 0.14 -4.69 4.72
N PHE A 10 -0.78 -3.85 4.25
CA PHE A 10 -1.24 -3.92 2.88
C PHE A 10 -0.21 -3.35 1.91
N ILE A 11 0.06 -2.06 2.02
CA ILE A 11 0.94 -1.39 1.06
C ILE A 11 2.38 -1.87 1.18
N LYS A 12 2.76 -2.32 2.36
CA LYS A 12 4.11 -2.79 2.62
C LYS A 12 4.22 -4.28 2.29
N GLY A 13 3.08 -4.90 2.04
CA GLY A 13 3.07 -6.27 1.57
C GLY A 13 2.91 -6.34 0.07
N PHE A 14 2.73 -5.17 -0.54
CA PHE A 14 2.52 -5.07 -1.97
C PHE A 14 3.69 -4.38 -2.66
N ILE A 15 3.83 -3.09 -2.40
CA ILE A 15 4.82 -2.23 -3.06
C ILE A 15 4.44 -1.99 -4.52
N SER A 16 4.31 -3.06 -5.28
CA SER A 16 3.95 -2.97 -6.68
C SER A 16 2.45 -2.79 -6.83
N GLY A 17 2.01 -1.53 -6.85
CA GLY A 17 0.60 -1.23 -6.97
C GLY A 17 0.20 -0.04 -6.12
N GLY A 18 -1.05 -0.02 -5.69
CA GLY A 18 -1.52 1.07 -4.86
C GLY A 18 -2.10 2.20 -5.68
N LYS A 19 -1.26 2.78 -6.54
CA LYS A 19 -1.69 3.87 -7.41
C LYS A 19 -2.04 3.33 -8.79
N ARG A 20 -2.62 4.17 -9.62
CA ARG A 20 -3.04 3.73 -10.95
C ARG A 20 -2.66 4.74 -12.03
N TRP A 21 -1.53 4.51 -12.66
CA TRP A 21 -1.09 5.28 -13.82
C TRP A 21 -0.01 4.53 -14.56
N LYS A 22 -0.23 4.26 -15.83
CA LYS A 22 0.71 3.51 -16.64
C LYS A 22 1.38 4.43 -17.64
N TYR A 23 2.70 4.59 -17.48
CA TYR A 23 3.50 5.43 -18.36
C TYR A 23 2.99 6.87 -18.34
N MET A 24 2.62 7.32 -17.14
CA MET A 24 2.08 8.66 -16.96
C MET A 24 2.84 9.40 -15.86
N LYS A 1 -4.30 5.62 16.18
CA LYS A 1 -4.27 6.61 15.08
C LYS A 1 -3.70 6.01 13.80
N TRP A 2 -3.04 4.85 13.91
CA TRP A 2 -2.49 4.18 12.74
C TRP A 2 -3.15 2.83 12.51
N ALA A 3 -4.32 2.65 13.13
CA ALA A 3 -5.07 1.38 13.06
C ALA A 3 -5.26 0.92 11.64
N VAL A 4 -5.82 1.81 10.84
CA VAL A 4 -6.14 1.51 9.46
C VAL A 4 -4.94 1.81 8.56
N LYS A 5 -4.17 2.84 8.93
CA LYS A 5 -2.96 3.19 8.24
C LYS A 5 -2.04 1.99 8.05
N ILE A 6 -1.69 1.32 9.13
CA ILE A 6 -0.75 0.24 9.05
C ILE A 6 -1.35 -0.97 8.33
N ILE A 7 -2.68 -1.07 8.34
CA ILE A 7 -3.35 -2.14 7.63
C ILE A 7 -3.16 -1.99 6.13
N ARG A 8 -2.71 -0.80 5.72
CA ARG A 8 -2.31 -0.57 4.35
C ARG A 8 -1.19 -1.53 3.97
N LYS A 9 -0.48 -2.09 4.95
CA LYS A 9 0.60 -3.04 4.66
C LYS A 9 0.04 -4.26 3.94
N PHE A 10 -1.22 -4.55 4.24
CA PHE A 10 -1.87 -5.75 3.75
C PHE A 10 -2.08 -5.68 2.24
N ILE A 11 -2.99 -4.83 1.82
CA ILE A 11 -3.31 -4.72 0.39
C ILE A 11 -2.15 -4.14 -0.42
N LYS A 12 -1.27 -3.36 0.23
CA LYS A 12 -0.11 -2.80 -0.47
C LYS A 12 0.87 -3.91 -0.85
N GLY A 13 0.86 -4.98 -0.07
CA GLY A 13 1.75 -6.09 -0.34
C GLY A 13 1.05 -7.21 -1.09
N PHE A 14 -0.21 -6.99 -1.45
CA PHE A 14 -0.98 -7.99 -2.16
C PHE A 14 -1.60 -7.43 -3.44
N ILE A 15 -2.61 -6.59 -3.30
CA ILE A 15 -3.37 -6.11 -4.45
C ILE A 15 -2.75 -4.85 -5.05
N SER A 16 -2.52 -3.85 -4.22
CA SER A 16 -2.06 -2.56 -4.69
C SER A 16 -0.55 -2.54 -4.85
N GLY A 17 -0.08 -2.91 -6.03
CA GLY A 17 1.34 -2.91 -6.31
C GLY A 17 1.69 -2.05 -7.50
N GLY A 18 0.83 -2.06 -8.52
CA GLY A 18 1.07 -1.30 -9.72
C GLY A 18 0.73 0.17 -9.58
N LYS A 19 1.43 0.82 -8.66
CA LYS A 19 1.25 2.25 -8.43
C LYS A 19 2.56 2.98 -8.69
N ARG A 20 2.47 4.13 -9.35
CA ARG A 20 3.67 4.91 -9.68
C ARG A 20 4.35 5.46 -8.43
N TRP A 21 5.40 4.78 -7.99
CA TRP A 21 6.17 5.20 -6.84
C TRP A 21 7.66 5.03 -7.10
N LYS A 22 8.47 5.33 -6.08
CA LYS A 22 9.93 5.28 -6.19
C LYS A 22 10.43 3.96 -6.74
N TYR A 23 11.61 4.03 -7.30
CA TYR A 23 12.16 2.98 -8.12
C TYR A 23 13.66 2.87 -7.87
N MET A 24 14.04 3.06 -6.61
CA MET A 24 15.45 3.11 -6.22
C MET A 24 16.10 1.74 -6.32
N LYS A 1 -2.52 0.64 20.28
CA LYS A 1 -3.54 0.15 19.32
C LYS A 1 -2.85 -0.51 18.12
N TRP A 2 -3.49 -1.53 17.57
CA TRP A 2 -2.96 -2.21 16.40
C TRP A 2 -4.02 -2.27 15.30
N ALA A 3 -5.03 -1.44 15.43
CA ALA A 3 -6.12 -1.38 14.47
C ALA A 3 -5.65 -0.84 13.14
N VAL A 4 -5.27 0.43 13.16
CA VAL A 4 -4.78 1.13 12.00
C VAL A 4 -3.38 0.66 11.64
N LYS A 5 -2.62 0.24 12.66
CA LYS A 5 -1.29 -0.29 12.48
C LYS A 5 -1.21 -1.30 11.36
N ILE A 6 -1.96 -2.37 11.46
CA ILE A 6 -1.84 -3.42 10.47
C ILE A 6 -2.47 -2.99 9.15
N ILE A 7 -3.26 -1.93 9.19
CA ILE A 7 -3.92 -1.45 7.99
C ILE A 7 -2.93 -0.79 7.06
N ARG A 8 -1.88 -0.17 7.61
CA ARG A 8 -0.85 0.38 6.74
C ARG A 8 -0.09 -0.73 6.00
N LYS A 9 -0.33 -1.98 6.41
CA LYS A 9 0.20 -3.11 5.65
C LYS A 9 -0.59 -3.32 4.38
N PHE A 10 -1.91 -3.24 4.50
CA PHE A 10 -2.83 -3.54 3.41
C PHE A 10 -2.52 -2.69 2.17
N ILE A 11 -2.80 -1.40 2.27
CA ILE A 11 -2.68 -0.51 1.13
C ILE A 11 -1.23 -0.33 0.69
N LYS A 12 -0.28 -0.49 1.60
CA LYS A 12 1.13 -0.33 1.25
C LYS A 12 1.62 -1.54 0.47
N GLY A 13 1.10 -2.71 0.82
CA GLY A 13 1.47 -3.92 0.12
C GLY A 13 0.77 -4.04 -1.22
N PHE A 14 -0.44 -3.50 -1.28
CA PHE A 14 -1.21 -3.51 -2.51
C PHE A 14 -0.75 -2.42 -3.45
N ILE A 15 -0.74 -1.19 -2.96
CA ILE A 15 -0.37 -0.05 -3.78
C ILE A 15 1.14 0.11 -3.80
N SER A 16 1.73 -0.09 -4.96
CA SER A 16 3.16 0.11 -5.13
C SER A 16 3.40 1.55 -5.57
N GLY A 17 3.77 2.40 -4.61
CA GLY A 17 4.03 3.79 -4.91
C GLY A 17 5.18 3.97 -5.88
N GLY A 18 4.99 4.82 -6.88
CA GLY A 18 6.01 5.03 -7.87
C GLY A 18 5.53 5.96 -8.98
N LYS A 19 5.82 5.58 -10.22
CA LYS A 19 5.41 6.38 -11.37
C LYS A 19 4.28 5.69 -12.12
N ARG A 20 3.41 6.49 -12.71
CA ARG A 20 2.25 5.96 -13.43
C ARG A 20 2.66 5.21 -14.70
N TRP A 21 2.74 3.89 -14.61
CA TRP A 21 3.06 3.06 -15.75
C TRP A 21 2.29 1.75 -15.67
N LYS A 22 1.83 1.27 -16.81
CA LYS A 22 1.09 0.01 -16.87
C LYS A 22 2.05 -1.17 -16.82
N TYR A 23 2.35 -1.62 -15.61
CA TYR A 23 3.26 -2.72 -15.41
C TYR A 23 2.50 -4.03 -15.26
N MET A 24 2.35 -4.74 -16.36
CA MET A 24 1.59 -5.98 -16.36
C MET A 24 2.53 -7.18 -16.20
#